data_8Y1Q
#
_entry.id   8Y1Q
#
_cell.length_a   61.260
_cell.length_b   61.260
_cell.length_c   112.660
_cell.angle_alpha   90.000
_cell.angle_beta   90.000
_cell.angle_gamma   90.000
#
_symmetry.space_group_name_H-M   'P 41'
#
loop_
_entity.id
_entity.type
_entity.pdbx_description
1 polymer "Deoxyuridine 5'-triphosphate nucleotidohydrolase"
2 non-polymer "2'-DEOXYURIDINE-5'-MONOPHOSPHATE"
3 non-polymer 'MAGNESIUM ION'
4 water water
#
_entity_poly.entity_id   1
_entity_poly.type   'polypeptide(L)'
_entity_poly.pdbx_seq_one_letter_code
;MSKVILKIKRLPHAQDLPLPSYATPHSSGLDLRAAIEKPLKIKPFERVLIPTGLILEIPEGYEGQVRPRSGLAWKKGLTV
LNAPGTIDADYRGEVKVILVNLGNEEVVIERGERIAQLVIAPVQRVEVVEVEEVSQTQRGEGGFGSTGTK
;
_entity_poly.pdbx_strand_id   A,B,C
#
# COMPACT_ATOMS: atom_id res chain seq x y z
N LYS A 3 23.51 -1.00 12.58
CA LYS A 3 22.91 0.33 12.54
C LYS A 3 22.49 0.70 11.12
N VAL A 4 21.25 1.17 10.99
CA VAL A 4 20.72 1.66 9.72
C VAL A 4 20.75 3.18 9.76
N ILE A 5 21.02 3.79 8.61
CA ILE A 5 21.18 5.24 8.53
C ILE A 5 20.50 5.75 7.28
N LEU A 6 19.63 6.76 7.44
CA LEU A 6 18.99 7.44 6.32
C LEU A 6 19.56 8.85 6.20
N LYS A 7 20.06 9.18 5.03
CA LYS A 7 20.71 10.46 4.77
C LYS A 7 19.79 11.33 3.91
N ILE A 8 19.57 12.56 4.34
CA ILE A 8 18.65 13.48 3.68
C ILE A 8 19.37 14.77 3.35
N LYS A 9 19.22 15.23 2.11
CA LYS A 9 19.68 16.54 1.70
C LYS A 9 18.47 17.42 1.43
N ARG A 10 18.41 18.58 2.10
CA ARG A 10 17.26 19.46 2.01
C ARG A 10 17.55 20.63 1.06
N LEU A 11 16.53 21.02 0.30
CA LEU A 11 16.65 22.10 -0.67
C LEU A 11 16.21 23.42 -0.03
N PRO A 12 16.62 24.55 -0.63
CA PRO A 12 16.26 25.86 -0.06
C PRO A 12 14.79 26.02 0.32
N HIS A 13 13.87 25.53 -0.51
CA HIS A 13 12.45 25.68 -0.21
C HIS A 13 11.97 24.71 0.86
N ALA A 14 12.86 23.93 1.48
CA ALA A 14 12.52 23.04 2.57
C ALA A 14 13.53 23.14 3.70
N GLN A 15 14.18 24.29 3.84
CA GLN A 15 15.18 24.49 4.87
C GLN A 15 14.61 24.98 6.19
N ASP A 16 13.40 25.56 6.18
CA ASP A 16 12.76 26.06 7.40
C ASP A 16 11.84 25.04 8.06
N LEU A 17 11.37 24.03 7.32
CA LEU A 17 10.52 23.02 7.92
C LEU A 17 11.34 22.14 8.87
N PRO A 18 10.71 21.53 9.87
CA PRO A 18 11.42 20.55 10.70
C PRO A 18 11.80 19.34 9.87
N LEU A 19 12.94 18.74 10.23
CA LEU A 19 13.38 17.53 9.55
C LEU A 19 12.36 16.42 9.77
N PRO A 20 12.24 15.49 8.82
CA PRO A 20 11.34 14.34 9.03
C PRO A 20 11.78 13.53 10.24
N SER A 21 10.82 13.26 11.13
CA SER A 21 11.11 12.57 12.37
C SER A 21 9.90 11.72 12.75
N TYR A 22 10.08 10.93 13.81
CA TYR A 22 9.01 10.07 14.32
C TYR A 22 8.25 10.79 15.42
N ALA A 23 6.92 10.80 15.32
CA ALA A 23 6.10 11.47 16.33
C ALA A 23 6.16 10.74 17.66
N THR A 24 6.44 9.44 17.66
CA THR A 24 6.52 8.63 18.86
C THR A 24 7.68 7.66 18.70
N PRO A 25 8.41 7.36 19.79
CA PRO A 25 9.51 6.38 19.71
C PRO A 25 9.17 5.10 18.96
N HIS A 26 7.89 4.73 18.90
CA HIS A 26 7.46 3.53 18.18
C HIS A 26 6.63 3.87 16.95
N SER A 27 6.75 5.09 16.42
CA SER A 27 6.06 5.44 15.19
C SER A 27 6.72 4.76 14.00
N SER A 28 5.90 4.33 13.04
CA SER A 28 6.42 3.57 11.91
C SER A 28 7.01 4.47 10.83
N GLY A 29 6.38 5.61 10.58
CA GLY A 29 6.76 6.46 9.46
C GLY A 29 7.11 7.87 9.88
N LEU A 30 8.00 8.49 9.12
CA LEU A 30 8.38 9.87 9.34
C LEU A 30 7.35 10.81 8.72
N ASP A 31 7.25 12.02 9.27
CA ASP A 31 6.32 13.00 8.73
C ASP A 31 6.85 13.57 7.42
N LEU A 32 5.96 13.67 6.43
CA LEU A 32 6.26 14.28 5.14
C LEU A 32 5.44 15.56 5.01
N ARG A 33 6.13 16.67 4.77
CA ARG A 33 5.53 17.99 4.76
C ARG A 33 5.60 18.61 3.37
N ALA A 34 4.62 19.46 3.07
CA ALA A 34 4.51 20.11 1.77
C ALA A 34 5.35 21.37 1.78
N ALA A 35 6.49 21.33 1.09
CA ALA A 35 7.39 22.48 0.99
C ALA A 35 6.93 23.35 -0.18
N ILE A 36 5.84 24.08 0.06
CA ILE A 36 5.25 24.94 -0.96
C ILE A 36 5.28 26.39 -0.47
N GLU A 37 4.69 27.29 -1.26
CA GLU A 37 4.66 28.70 -0.93
C GLU A 37 3.26 29.15 -0.53
N LYS A 38 2.31 29.15 -1.47
CA LYS A 38 0.93 29.50 -1.19
C LYS A 38 0.13 28.25 -0.89
N PRO A 39 -1.10 28.39 -0.36
CA PRO A 39 -1.95 27.21 -0.17
C PRO A 39 -2.28 26.55 -1.49
N LEU A 40 -2.82 25.33 -1.40
CA LEU A 40 -3.16 24.53 -2.57
C LEU A 40 -4.68 24.44 -2.69
N LYS A 41 -5.19 24.80 -3.87
CA LYS A 41 -6.63 24.74 -4.16
C LYS A 41 -6.94 23.35 -4.69
N ILE A 42 -7.25 22.43 -3.79
CA ILE A 42 -7.53 21.04 -4.14
C ILE A 42 -8.98 20.97 -4.60
N LYS A 43 -9.19 20.89 -5.91
CA LYS A 43 -10.52 20.65 -6.41
C LYS A 43 -10.90 19.18 -6.20
N PRO A 44 -12.18 18.89 -5.95
CA PRO A 44 -12.59 17.50 -5.80
C PRO A 44 -12.31 16.69 -7.05
N PHE A 45 -11.87 15.44 -6.84
CA PHE A 45 -11.51 14.51 -7.90
C PHE A 45 -10.29 14.96 -8.71
N GLU A 46 -9.46 15.84 -8.15
CA GLU A 46 -8.27 16.31 -8.84
C GLU A 46 -7.02 15.91 -8.05
N ARG A 47 -5.95 15.64 -8.78
CA ARG A 47 -4.67 15.25 -8.22
C ARG A 47 -3.64 16.36 -8.43
N VAL A 48 -2.60 16.34 -7.59
CA VAL A 48 -1.55 17.36 -7.62
C VAL A 48 -0.23 16.73 -7.22
N LEU A 49 0.86 17.35 -7.67
CA LEU A 49 2.22 16.90 -7.38
C LEU A 49 2.85 17.93 -6.44
N ILE A 50 3.07 17.53 -5.19
CA ILE A 50 3.57 18.43 -4.15
C ILE A 50 5.06 18.16 -3.94
N PRO A 51 5.92 19.17 -3.95
CA PRO A 51 7.33 18.95 -3.62
C PRO A 51 7.56 18.97 -2.12
N THR A 52 8.41 18.06 -1.66
CA THR A 52 8.81 18.01 -0.26
C THR A 52 10.12 18.73 0.03
N GLY A 53 10.97 18.88 -0.99
CA GLY A 53 12.27 19.49 -0.79
C GLY A 53 13.30 18.57 -0.16
N LEU A 54 13.14 17.27 -0.30
CA LEU A 54 14.02 16.28 0.31
C LEU A 54 14.66 15.42 -0.76
N ILE A 55 15.93 15.08 -0.55
CA ILE A 55 16.67 14.14 -1.39
C ILE A 55 17.29 13.10 -0.46
N LEU A 56 16.94 11.84 -0.67
CA LEU A 56 17.27 10.78 0.26
C LEU A 56 18.36 9.87 -0.30
N GLU A 57 19.06 9.19 0.61
CA GLU A 57 20.01 8.14 0.27
C GLU A 57 19.64 6.92 1.11
N ILE A 58 18.72 6.11 0.60
CA ILE A 58 18.23 4.93 1.30
C ILE A 58 19.31 3.85 1.25
N PRO A 59 19.59 3.14 2.36
CA PRO A 59 20.58 2.06 2.31
C PRO A 59 20.14 0.95 1.36
N GLU A 60 21.13 0.23 0.83
CA GLU A 60 20.85 -0.89 -0.05
C GLU A 60 20.07 -1.95 0.71
N GLY A 61 19.18 -2.64 -0.01
CA GLY A 61 18.28 -3.59 0.60
C GLY A 61 17.12 -2.96 1.34
N TYR A 62 17.03 -1.63 1.37
CA TYR A 62 15.94 -0.91 2.01
C TYR A 62 15.24 -0.02 0.99
N GLU A 63 14.10 0.52 1.39
CA GLU A 63 13.29 1.37 0.52
C GLU A 63 12.45 2.30 1.37
N GLY A 64 11.85 3.29 0.71
CA GLY A 64 10.93 4.22 1.36
C GLY A 64 9.55 4.11 0.74
N GLN A 65 8.53 4.25 1.57
CA GLN A 65 7.15 4.11 1.14
C GLN A 65 6.35 5.35 1.55
N VAL A 66 5.67 5.96 0.59
CA VAL A 66 4.79 7.08 0.87
C VAL A 66 3.42 6.51 1.24
N ARG A 67 3.00 6.71 2.49
CA ARG A 67 1.73 6.18 2.96
C ARG A 67 0.79 7.30 3.37
N PRO A 68 -0.51 7.14 3.14
CA PRO A 68 -1.46 8.21 3.46
C PRO A 68 -1.65 8.37 4.96
N ARG A 69 -1.96 9.60 5.36
CA ARG A 69 -2.30 9.88 6.75
C ARG A 69 -3.75 9.52 7.02
N SER A 70 -3.99 8.92 8.19
CA SER A 70 -5.34 8.47 8.51
C SER A 70 -6.29 9.64 8.72
N GLY A 71 -5.84 10.70 9.41
CA GLY A 71 -6.71 11.82 9.69
C GLY A 71 -7.16 12.54 8.43
N LEU A 72 -6.22 12.82 7.53
CA LEU A 72 -6.57 13.49 6.27
C LEU A 72 -7.50 12.63 5.43
N ALA A 73 -7.41 11.31 5.56
CA ALA A 73 -8.23 10.43 4.74
C ALA A 73 -9.68 10.39 5.24
N TRP A 74 -9.88 10.56 6.55
CA TRP A 74 -11.23 10.48 7.11
C TRP A 74 -11.90 11.85 7.21
N LYS A 75 -11.16 12.88 7.66
CA LYS A 75 -11.75 14.19 7.87
C LYS A 75 -11.98 14.94 6.56
N LYS A 76 -11.08 14.78 5.58
CA LYS A 76 -11.20 15.51 4.32
C LYS A 76 -11.13 14.63 3.08
N GLY A 77 -11.01 13.31 3.23
CA GLY A 77 -11.06 12.44 2.08
C GLY A 77 -9.85 12.48 1.19
N LEU A 78 -8.73 13.02 1.66
CA LEU A 78 -7.51 13.04 0.86
C LEU A 78 -6.75 11.74 1.03
N THR A 79 -5.91 11.44 0.03
CA THR A 79 -5.09 10.23 0.06
C THR A 79 -3.98 10.37 -0.95
N VAL A 80 -3.00 9.48 -0.84
CA VAL A 80 -1.94 9.37 -1.83
C VAL A 80 -2.44 8.50 -2.97
N LEU A 81 -2.42 9.04 -4.19
CA LEU A 81 -3.01 8.34 -5.32
C LEU A 81 -2.28 7.03 -5.61
N ASN A 82 -0.95 7.06 -5.60
CA ASN A 82 -0.13 5.88 -5.88
C ASN A 82 0.31 5.17 -4.61
N ALA A 83 -0.51 5.23 -3.56
CA ALA A 83 -0.12 4.63 -2.28
C ALA A 83 -0.06 3.12 -2.40
N PRO A 84 1.01 2.47 -1.92
CA PRO A 84 2.20 3.07 -1.30
C PRO A 84 3.19 3.57 -2.35
N GLY A 85 3.65 4.81 -2.22
CA GLY A 85 4.60 5.37 -3.16
C GLY A 85 5.99 4.79 -2.98
N THR A 86 6.42 3.99 -3.95
CA THR A 86 7.70 3.29 -3.85
C THR A 86 8.83 4.29 -4.13
N ILE A 87 9.66 4.55 -3.12
CA ILE A 87 10.85 5.38 -3.26
C ILE A 87 12.03 4.43 -3.40
N ASP A 88 12.55 4.31 -4.63
CA ASP A 88 13.63 3.36 -4.89
C ASP A 88 14.88 3.73 -4.12
N ALA A 89 15.71 2.72 -3.85
CA ALA A 89 16.94 2.94 -3.09
C ALA A 89 17.91 3.83 -3.85
N ASP A 90 17.89 3.78 -5.17
CA ASP A 90 18.80 4.57 -6.00
C ASP A 90 18.19 5.89 -6.46
N TYR A 91 17.22 6.42 -5.72
CA TYR A 91 16.61 7.70 -6.07
C TYR A 91 17.45 8.83 -5.49
N ARG A 92 17.96 9.70 -6.36
CA ARG A 92 18.74 10.86 -5.95
C ARG A 92 18.08 12.17 -6.36
N GLY A 93 16.77 12.14 -6.64
CA GLY A 93 16.01 13.32 -6.96
C GLY A 93 15.15 13.78 -5.79
N GLU A 94 14.30 14.76 -6.07
CA GLU A 94 13.43 15.31 -5.03
C GLU A 94 12.20 14.43 -4.88
N VAL A 95 11.92 14.00 -3.65
CA VAL A 95 10.74 13.18 -3.37
C VAL A 95 9.49 14.04 -3.47
N LYS A 96 8.50 13.58 -4.23
CA LYS A 96 7.24 14.29 -4.39
C LYS A 96 6.08 13.38 -4.01
N VAL A 97 5.00 14.00 -3.54
CA VAL A 97 3.83 13.28 -3.05
C VAL A 97 2.63 13.63 -3.92
N ILE A 98 1.89 12.62 -4.34
CA ILE A 98 0.74 12.77 -5.22
C ILE A 98 -0.51 12.69 -4.34
N LEU A 99 -1.12 13.84 -4.07
CA LEU A 99 -2.38 13.90 -3.35
C LEU A 99 -3.55 13.82 -4.33
N VAL A 100 -4.71 13.48 -3.80
CA VAL A 100 -5.94 13.41 -4.61
C VAL A 100 -7.13 13.49 -3.67
N ASN A 101 -8.13 14.26 -4.08
CA ASN A 101 -9.34 14.48 -3.28
C ASN A 101 -10.41 13.47 -3.70
N LEU A 102 -10.88 12.68 -2.74
CA LEU A 102 -11.99 11.77 -2.96
C LEU A 102 -13.22 12.18 -2.17
N GLY A 103 -13.18 13.33 -1.51
CA GLY A 103 -14.35 13.88 -0.86
C GLY A 103 -15.12 14.82 -1.77
N ASN A 104 -16.21 15.37 -1.23
CA ASN A 104 -17.07 16.27 -1.98
C ASN A 104 -16.86 17.73 -1.63
N GLU A 105 -15.77 18.06 -0.93
CA GLU A 105 -15.45 19.43 -0.57
C GLU A 105 -14.05 19.78 -1.03
N GLU A 106 -13.85 21.05 -1.35
CA GLU A 106 -12.51 21.52 -1.70
C GLU A 106 -11.64 21.60 -0.46
N VAL A 107 -10.38 21.21 -0.61
CA VAL A 107 -9.43 21.14 0.50
C VAL A 107 -8.33 22.15 0.28
N VAL A 108 -7.88 22.79 1.35
CA VAL A 108 -6.81 23.78 1.32
C VAL A 108 -5.61 23.19 2.05
N ILE A 109 -4.48 23.10 1.36
CA ILE A 109 -3.27 22.51 1.91
C ILE A 109 -2.31 23.63 2.28
N GLU A 110 -1.98 23.71 3.57
CA GLU A 110 -1.09 24.73 4.08
C GLU A 110 0.36 24.39 3.74
N ARG A 111 1.22 25.41 3.78
CA ARG A 111 2.64 25.21 3.57
C ARG A 111 3.27 24.56 4.79
N GLY A 112 3.99 23.46 4.57
CA GLY A 112 4.57 22.70 5.65
C GLY A 112 3.64 21.74 6.33
N GLU A 113 2.41 21.59 5.83
CA GLU A 113 1.45 20.69 6.46
C GLU A 113 1.79 19.24 6.14
N ARG A 114 1.64 18.37 7.13
CA ARG A 114 1.89 16.95 6.95
C ARG A 114 0.89 16.37 5.96
N ILE A 115 1.39 15.85 4.85
CA ILE A 115 0.54 15.30 3.79
C ILE A 115 0.62 13.79 3.69
N ALA A 116 1.70 13.17 4.15
CA ALA A 116 1.85 11.72 4.10
C ALA A 116 2.93 11.32 5.09
N GLN A 117 3.22 10.03 5.15
CA GLN A 117 4.30 9.52 5.99
C GLN A 117 5.22 8.65 5.16
N LEU A 118 6.51 8.71 5.48
CA LEU A 118 7.55 7.94 4.80
C LEU A 118 8.00 6.81 5.72
N VAL A 119 7.78 5.58 5.30
CA VAL A 119 8.10 4.39 6.08
C VAL A 119 9.27 3.68 5.41
N ILE A 120 10.32 3.41 6.17
CA ILE A 120 11.48 2.67 5.68
C ILE A 120 11.28 1.20 6.00
N ALA A 121 11.43 0.35 4.98
CA ALA A 121 11.20 -1.08 5.11
C ALA A 121 12.24 -1.83 4.29
N PRO A 122 12.59 -3.05 4.70
CA PRO A 122 13.55 -3.85 3.92
C PRO A 122 12.88 -4.45 2.69
N VAL A 123 13.55 -4.32 1.55
CA VAL A 123 13.09 -4.90 0.28
C VAL A 123 14.05 -6.02 -0.10
N GLN A 124 13.51 -7.09 -0.66
CA GLN A 124 14.28 -8.27 -1.02
C GLN A 124 14.46 -8.33 -2.52
N ARG A 125 15.70 -8.23 -2.98
CA ARG A 125 16.01 -8.45 -4.39
C ARG A 125 15.89 -9.93 -4.71
N VAL A 126 15.37 -10.24 -5.90
CA VAL A 126 15.11 -11.62 -6.28
C VAL A 126 15.60 -11.86 -7.70
N GLU A 127 15.96 -13.11 -7.98
CA GLU A 127 16.46 -13.51 -9.30
C GLU A 127 15.32 -14.17 -10.06
N VAL A 128 15.00 -13.61 -11.22
CA VAL A 128 13.89 -14.11 -12.05
C VAL A 128 14.41 -15.28 -12.88
N VAL A 129 13.99 -16.48 -12.52
CA VAL A 129 14.31 -17.70 -13.27
C VAL A 129 13.00 -18.29 -13.75
N GLU A 130 12.81 -18.31 -15.07
CA GLU A 130 11.58 -18.84 -15.63
C GLU A 130 11.54 -20.37 -15.52
N VAL A 131 10.39 -20.89 -15.08
CA VAL A 131 10.19 -22.32 -14.92
C VAL A 131 9.01 -22.74 -15.79
N GLU A 132 8.90 -24.07 -15.97
CA GLU A 132 7.79 -24.66 -16.69
C GLU A 132 6.76 -25.28 -15.76
N GLU A 133 6.97 -25.19 -14.45
CA GLU A 133 6.04 -25.77 -13.48
C GLU A 133 6.30 -25.13 -12.12
N VAL A 134 5.22 -24.82 -11.41
CA VAL A 134 5.29 -24.31 -10.05
C VAL A 134 4.86 -25.40 -9.09
N SER A 135 5.32 -25.29 -7.85
CA SER A 135 5.00 -26.28 -6.84
C SER A 135 3.52 -26.23 -6.49
N GLN A 136 2.96 -27.41 -6.16
CA GLN A 136 1.57 -27.49 -5.75
C GLN A 136 1.40 -27.05 -4.31
N THR A 137 0.37 -26.23 -4.08
CA THR A 137 0.03 -25.78 -2.74
C THR A 137 -1.42 -26.17 -2.43
N GLN A 138 -1.78 -26.00 -1.15
CA GLN A 138 -3.15 -26.26 -0.73
C GLN A 138 -4.10 -25.18 -1.21
N ARG A 139 -3.62 -23.95 -1.35
CA ARG A 139 -4.45 -22.88 -1.92
C ARG A 139 -4.74 -23.15 -3.38
N GLY A 140 -3.75 -23.65 -4.13
CA GLY A 140 -3.96 -24.00 -5.52
C GLY A 140 -4.07 -22.77 -6.41
N GLU A 141 -4.59 -23.01 -7.61
CA GLU A 141 -4.78 -21.95 -8.60
C GLU A 141 -6.02 -21.14 -8.20
N GLY A 142 -5.78 -20.02 -7.52
CA GLY A 142 -6.88 -19.17 -7.07
C GLY A 142 -7.63 -18.47 -8.19
N LYS B 3 8.63 -17.46 17.51
CA LYS B 3 7.62 -16.83 16.66
C LYS B 3 7.06 -15.56 17.31
N VAL B 4 6.62 -14.63 16.48
CA VAL B 4 6.08 -13.37 16.97
C VAL B 4 4.63 -13.57 17.40
N ILE B 5 4.29 -13.06 18.57
CA ILE B 5 2.94 -13.17 19.12
C ILE B 5 2.20 -11.87 18.87
N LEU B 6 0.89 -11.96 18.65
CA LEU B 6 0.03 -10.80 18.42
C LEU B 6 -1.12 -10.88 19.40
N LYS B 7 -1.08 -10.04 20.43
CA LYS B 7 -2.14 -9.99 21.42
C LYS B 7 -3.31 -9.18 20.89
N ILE B 8 -4.51 -9.75 20.97
CA ILE B 8 -5.73 -9.13 20.47
C ILE B 8 -6.79 -9.18 21.56
N LYS B 9 -7.43 -8.03 21.81
CA LYS B 9 -8.52 -7.94 22.78
C LYS B 9 -9.79 -7.54 22.05
N ARG B 10 -10.84 -8.34 22.21
CA ARG B 10 -12.09 -8.15 21.49
C ARG B 10 -13.02 -7.24 22.30
N LEU B 11 -13.35 -6.09 21.72
CA LEU B 11 -14.28 -5.15 22.33
C LEU B 11 -15.68 -5.76 22.36
N PRO B 12 -16.63 -5.13 23.08
CA PRO B 12 -17.99 -5.71 23.15
C PRO B 12 -18.63 -6.05 21.82
N HIS B 13 -18.45 -5.23 20.79
CA HIS B 13 -19.08 -5.48 19.50
C HIS B 13 -18.29 -6.44 18.61
N ALA B 14 -17.34 -7.17 19.17
CA ALA B 14 -16.57 -8.16 18.41
C ALA B 14 -16.45 -9.48 19.15
N GLN B 15 -17.29 -9.72 20.16
CA GLN B 15 -17.20 -10.95 20.93
C GLN B 15 -17.76 -12.13 20.14
N ASP B 16 -18.89 -11.94 19.47
CA ASP B 16 -19.55 -13.03 18.75
C ASP B 16 -18.81 -13.42 17.47
N LEU B 17 -17.99 -12.52 16.93
CA LEU B 17 -17.29 -12.78 15.69
C LEU B 17 -16.00 -13.56 15.96
N PRO B 18 -15.55 -14.38 15.01
CA PRO B 18 -14.37 -15.22 15.25
C PRO B 18 -13.09 -14.40 15.25
N LEU B 19 -12.04 -15.03 15.78
CA LEU B 19 -10.74 -14.38 15.82
C LEU B 19 -10.22 -14.17 14.40
N PRO B 20 -9.42 -13.12 14.18
CA PRO B 20 -8.69 -13.02 12.91
C PRO B 20 -7.73 -14.20 12.75
N SER B 21 -7.84 -14.89 11.63
CA SER B 21 -7.04 -16.08 11.36
C SER B 21 -6.56 -16.05 9.91
N TYR B 22 -5.61 -16.91 9.61
CA TYR B 22 -5.09 -17.07 8.25
C TYR B 22 -5.92 -18.10 7.51
N ALA B 23 -6.33 -17.76 6.29
CA ALA B 23 -7.13 -18.68 5.49
C ALA B 23 -6.32 -19.91 5.10
N THR B 24 -5.13 -19.71 4.58
CA THR B 24 -4.23 -20.78 4.18
C THR B 24 -2.96 -20.73 5.01
N PRO B 25 -2.25 -21.86 5.15
CA PRO B 25 -1.02 -21.85 5.96
C PRO B 25 0.09 -20.95 5.41
N HIS B 26 -0.11 -20.25 4.30
CA HIS B 26 0.86 -19.29 3.79
C HIS B 26 0.18 -17.97 3.46
N SER B 27 -0.90 -17.63 4.15
CA SER B 27 -1.58 -16.36 3.93
C SER B 27 -0.77 -15.23 4.54
N SER B 28 -0.80 -14.07 3.89
CA SER B 28 0.02 -12.96 4.32
C SER B 28 -0.59 -12.17 5.47
N GLY B 29 -1.92 -12.11 5.55
CA GLY B 29 -2.57 -11.27 6.54
C GLY B 29 -3.79 -11.93 7.13
N LEU B 30 -4.23 -11.36 8.25
CA LEU B 30 -5.43 -11.79 8.95
C LEU B 30 -6.62 -10.96 8.46
N ASP B 31 -7.78 -11.60 8.34
CA ASP B 31 -8.97 -10.92 7.86
C ASP B 31 -9.56 -10.03 8.95
N LEU B 32 -10.11 -8.89 8.53
CA LEU B 32 -10.76 -7.93 9.41
C LEU B 32 -12.24 -7.87 9.06
N ARG B 33 -13.08 -7.86 10.09
CA ARG B 33 -14.53 -7.90 9.91
C ARG B 33 -15.18 -6.61 10.38
N ALA B 34 -16.38 -6.36 9.86
CA ALA B 34 -17.15 -5.17 10.19
C ALA B 34 -17.96 -5.44 11.45
N ALA B 35 -17.46 -4.96 12.58
CA ALA B 35 -18.14 -5.13 13.88
C ALA B 35 -19.30 -4.13 14.01
N ILE B 36 -20.24 -4.24 13.08
CA ILE B 36 -21.37 -3.32 13.01
C ILE B 36 -22.63 -4.03 13.48
N GLU B 37 -23.61 -3.23 13.89
CA GLU B 37 -24.87 -3.76 14.38
C GLU B 37 -25.77 -4.15 13.20
N LYS B 38 -26.29 -3.15 12.50
CA LYS B 38 -27.11 -3.35 11.32
C LYS B 38 -26.25 -3.20 10.06
N PRO B 39 -26.70 -3.76 8.93
CA PRO B 39 -25.92 -3.62 7.70
C PRO B 39 -25.72 -2.16 7.31
N LEU B 40 -24.62 -1.90 6.61
CA LEU B 40 -24.21 -0.56 6.25
C LEU B 40 -24.38 -0.33 4.76
N LYS B 41 -24.86 0.86 4.40
CA LYS B 41 -25.13 1.23 3.02
C LYS B 41 -24.12 2.30 2.60
N ILE B 42 -23.30 1.99 1.61
CA ILE B 42 -22.25 2.89 1.14
C ILE B 42 -22.63 3.35 -0.26
N LYS B 43 -22.98 4.62 -0.38
CA LYS B 43 -23.27 5.22 -1.67
C LYS B 43 -21.96 5.34 -2.45
N PRO B 44 -22.02 5.57 -3.77
CA PRO B 44 -20.78 5.81 -4.52
C PRO B 44 -20.11 7.11 -4.11
N PHE B 45 -18.77 7.11 -4.13
CA PHE B 45 -17.87 8.27 -4.05
C PHE B 45 -17.72 8.88 -2.67
N GLU B 46 -18.08 8.19 -1.59
CA GLU B 46 -17.84 8.70 -0.24
C GLU B 46 -17.30 7.58 0.65
N ARG B 47 -16.70 7.99 1.76
CA ARG B 47 -15.99 7.11 2.67
C ARG B 47 -16.86 6.80 3.90
N VAL B 48 -16.47 5.73 4.60
CA VAL B 48 -17.19 5.27 5.79
C VAL B 48 -16.17 4.66 6.75
N LEU B 49 -16.30 5.00 8.03
CA LEU B 49 -15.41 4.50 9.07
C LEU B 49 -16.09 3.31 9.74
N ILE B 50 -15.55 2.12 9.49
CA ILE B 50 -16.13 0.88 10.01
C ILE B 50 -15.30 0.43 11.20
N PRO B 51 -15.90 0.17 12.35
CA PRO B 51 -15.13 -0.33 13.49
C PRO B 51 -14.98 -1.84 13.45
N THR B 52 -13.80 -2.31 13.88
CA THR B 52 -13.51 -3.74 13.90
C THR B 52 -13.72 -4.37 15.27
N GLY B 53 -13.69 -3.57 16.34
CA GLY B 53 -13.81 -4.12 17.68
C GLY B 53 -12.56 -4.75 18.23
N LEU B 54 -11.40 -4.53 17.59
CA LEU B 54 -10.15 -5.14 18.01
C LEU B 54 -9.21 -4.10 18.57
N ILE B 55 -8.51 -4.46 19.65
CA ILE B 55 -7.44 -3.66 20.22
C ILE B 55 -6.21 -4.55 20.32
N LEU B 56 -5.15 -4.20 19.60
CA LEU B 56 -4.02 -5.08 19.39
C LEU B 56 -2.77 -4.56 20.10
N GLU B 57 -1.89 -5.50 20.45
CA GLU B 57 -0.54 -5.19 20.92
C GLU B 57 0.43 -5.76 19.90
N ILE B 58 0.88 -4.91 18.98
CA ILE B 58 1.85 -5.32 17.96
C ILE B 58 3.25 -5.18 18.56
N PRO B 59 4.07 -6.24 18.53
CA PRO B 59 5.37 -6.19 19.20
C PRO B 59 6.33 -5.22 18.52
N GLU B 60 7.41 -4.91 19.24
CA GLU B 60 8.39 -3.95 18.75
C GLU B 60 9.06 -4.47 17.48
N GLY B 61 9.46 -3.54 16.62
CA GLY B 61 10.08 -3.93 15.38
C GLY B 61 9.11 -4.42 14.32
N TYR B 62 7.80 -4.35 14.59
CA TYR B 62 6.80 -4.82 13.65
C TYR B 62 5.64 -3.83 13.63
N GLU B 63 4.84 -3.93 12.57
CA GLU B 63 3.70 -3.03 12.38
C GLU B 63 2.53 -3.82 11.81
N GLY B 64 1.39 -3.15 11.76
CA GLY B 64 0.20 -3.71 11.12
C GLY B 64 -0.20 -2.83 9.94
N GLN B 65 -0.59 -3.46 8.86
CA GLN B 65 -0.98 -2.77 7.63
C GLN B 65 -2.39 -3.20 7.24
N VAL B 66 -3.32 -2.24 7.24
CA VAL B 66 -4.68 -2.50 6.78
C VAL B 66 -4.68 -2.43 5.26
N ARG B 67 -4.80 -3.57 4.61
CA ARG B 67 -4.77 -3.66 3.15
C ARG B 67 -6.14 -4.04 2.60
N PRO B 68 -6.43 -3.70 1.35
CA PRO B 68 -7.75 -4.02 0.78
C PRO B 68 -7.89 -5.50 0.48
N ARG B 69 -9.15 -5.94 0.41
CA ARG B 69 -9.49 -7.28 -0.04
C ARG B 69 -9.69 -7.27 -1.55
N SER B 70 -9.04 -8.21 -2.24
CA SER B 70 -9.11 -8.25 -3.70
C SER B 70 -10.52 -8.58 -4.19
N GLY B 71 -11.26 -9.41 -3.44
CA GLY B 71 -12.60 -9.76 -3.88
C GLY B 71 -13.55 -8.58 -3.84
N LEU B 72 -13.57 -7.85 -2.73
CA LEU B 72 -14.47 -6.71 -2.62
C LEU B 72 -14.07 -5.59 -3.57
N ALA B 73 -12.80 -5.54 -3.95
CA ALA B 73 -12.33 -4.48 -4.84
C ALA B 73 -12.83 -4.68 -6.27
N TRP B 74 -12.78 -5.91 -6.76
CA TRP B 74 -13.16 -6.15 -8.15
C TRP B 74 -14.67 -6.32 -8.31
N LYS B 75 -15.32 -6.98 -7.35
CA LYS B 75 -16.75 -7.29 -7.51
C LYS B 75 -17.62 -6.06 -7.29
N LYS B 76 -17.26 -5.20 -6.33
CA LYS B 76 -18.11 -4.09 -5.93
C LYS B 76 -17.42 -2.73 -6.00
N GLY B 77 -16.14 -2.67 -6.38
CA GLY B 77 -15.46 -1.40 -6.45
C GLY B 77 -15.17 -0.77 -5.10
N LEU B 78 -15.04 -1.59 -4.06
CA LEU B 78 -14.82 -1.13 -2.70
C LEU B 78 -13.37 -1.32 -2.32
N THR B 79 -12.80 -0.33 -1.63
CA THR B 79 -11.39 -0.39 -1.24
C THR B 79 -11.17 0.40 0.03
N VAL B 80 -10.03 0.13 0.67
CA VAL B 80 -9.61 0.88 1.84
C VAL B 80 -9.00 2.19 1.37
N LEU B 81 -9.52 3.31 1.88
CA LEU B 81 -9.13 4.62 1.37
C LEU B 81 -7.65 4.88 1.60
N ASN B 82 -7.20 4.81 2.86
CA ASN B 82 -5.83 5.13 3.23
C ASN B 82 -4.90 3.93 3.15
N ALA B 83 -5.17 2.97 2.26
CA ALA B 83 -4.34 1.79 2.16
C ALA B 83 -2.94 2.17 1.65
N PRO B 84 -1.88 1.63 2.27
CA PRO B 84 -1.90 0.72 3.41
C PRO B 84 -2.05 1.46 4.74
N GLY B 85 -3.14 1.21 5.46
CA GLY B 85 -3.34 1.82 6.78
C GLY B 85 -2.28 1.41 7.78
N THR B 86 -1.50 2.39 8.24
CA THR B 86 -0.37 2.11 9.13
C THR B 86 -0.87 1.97 10.56
N ILE B 87 -0.80 0.75 11.09
CA ILE B 87 -1.15 0.48 12.49
C ILE B 87 0.16 0.43 13.26
N ASP B 88 0.46 1.50 13.99
CA ASP B 88 1.71 1.58 14.73
C ASP B 88 1.71 0.58 15.89
N ALA B 89 2.90 0.06 16.20
CA ALA B 89 3.03 -0.99 17.19
C ALA B 89 2.60 -0.55 18.58
N ASP B 90 2.52 0.75 18.83
CA ASP B 90 2.14 1.28 20.14
C ASP B 90 0.70 1.76 20.18
N TYR B 91 -0.11 1.39 19.19
CA TYR B 91 -1.51 1.80 19.16
C TYR B 91 -2.35 0.88 20.05
N ARG B 92 -3.15 1.48 20.93
CA ARG B 92 -3.97 0.74 21.88
C ARG B 92 -5.45 1.02 21.74
N GLY B 93 -5.85 1.88 20.79
CA GLY B 93 -7.25 2.13 20.54
C GLY B 93 -7.88 1.09 19.63
N GLU B 94 -9.14 1.33 19.31
CA GLU B 94 -9.89 0.44 18.44
C GLU B 94 -9.45 0.61 16.99
N VAL B 95 -9.06 -0.50 16.36
CA VAL B 95 -8.67 -0.46 14.96
C VAL B 95 -9.91 -0.24 14.10
N LYS B 96 -9.83 0.72 13.19
CA LYS B 96 -10.94 1.05 12.31
C LYS B 96 -10.46 1.05 10.86
N VAL B 97 -11.38 0.72 9.96
CA VAL B 97 -11.09 0.63 8.53
C VAL B 97 -11.91 1.69 7.81
N ILE B 98 -11.26 2.43 6.92
CA ILE B 98 -11.89 3.48 6.13
C ILE B 98 -12.20 2.88 4.76
N LEU B 99 -13.43 2.39 4.58
CA LEU B 99 -13.87 1.89 3.29
C LEU B 99 -14.48 3.01 2.46
N VAL B 100 -14.19 3.01 1.17
CA VAL B 100 -14.67 4.02 0.23
C VAL B 100 -15.14 3.31 -1.03
N ASN B 101 -16.20 3.82 -1.63
CA ASN B 101 -16.85 3.18 -2.77
C ASN B 101 -16.46 3.93 -4.04
N LEU B 102 -15.56 3.34 -4.82
CA LEU B 102 -15.16 3.91 -6.10
C LEU B 102 -15.97 3.38 -7.28
N GLY B 103 -16.92 2.49 -7.02
CA GLY B 103 -17.86 2.09 -8.05
C GLY B 103 -18.95 3.13 -8.24
N ASN B 104 -19.75 2.91 -9.28
CA ASN B 104 -20.87 3.80 -9.60
C ASN B 104 -22.21 3.21 -9.17
N GLU B 105 -22.20 2.25 -8.25
CA GLU B 105 -23.42 1.53 -7.88
C GLU B 105 -23.39 1.23 -6.40
N GLU B 106 -24.58 1.19 -5.79
CA GLU B 106 -24.71 1.08 -4.35
C GLU B 106 -24.10 -0.23 -3.83
N VAL B 107 -23.56 -0.17 -2.62
CA VAL B 107 -22.91 -1.29 -1.96
C VAL B 107 -23.45 -1.42 -0.54
N VAL B 108 -23.50 -2.66 -0.05
CA VAL B 108 -23.96 -2.95 1.31
C VAL B 108 -22.93 -3.85 1.98
N ILE B 109 -22.54 -3.49 3.20
CA ILE B 109 -21.63 -4.28 4.02
C ILE B 109 -22.43 -4.86 5.18
N GLU B 110 -22.42 -6.18 5.31
CA GLU B 110 -23.20 -6.87 6.33
C GLU B 110 -22.42 -6.97 7.63
N ARG B 111 -23.11 -7.44 8.67
CA ARG B 111 -22.48 -7.62 9.97
C ARG B 111 -21.50 -8.79 9.93
N GLY B 112 -20.29 -8.56 10.43
CA GLY B 112 -19.28 -9.60 10.43
C GLY B 112 -18.73 -9.97 9.07
N GLU B 113 -18.84 -9.08 8.09
CA GLU B 113 -18.30 -9.35 6.77
C GLU B 113 -16.82 -8.96 6.71
N ARG B 114 -16.03 -9.80 6.05
CA ARG B 114 -14.60 -9.54 5.93
C ARG B 114 -14.36 -8.39 4.96
N ILE B 115 -13.89 -7.25 5.49
CA ILE B 115 -13.80 -6.02 4.73
C ILE B 115 -12.37 -5.61 4.40
N ALA B 116 -11.38 -6.22 5.04
CA ALA B 116 -9.98 -5.86 4.81
C ALA B 116 -9.11 -6.98 5.38
N GLN B 117 -7.80 -6.78 5.33
CA GLN B 117 -6.86 -7.73 5.90
C GLN B 117 -5.71 -6.99 6.55
N LEU B 118 -5.41 -7.36 7.79
CA LEU B 118 -4.30 -6.78 8.54
C LEU B 118 -3.06 -7.64 8.33
N VAL B 119 -1.97 -7.02 7.87
CA VAL B 119 -0.72 -7.69 7.58
C VAL B 119 0.33 -7.21 8.56
N ILE B 120 1.01 -8.15 9.22
CA ILE B 120 2.07 -7.84 10.16
C ILE B 120 3.40 -7.99 9.45
N ALA B 121 4.20 -6.92 9.44
CA ALA B 121 5.46 -6.88 8.71
C ALA B 121 6.51 -6.19 9.56
N PRO B 122 7.79 -6.49 9.33
CA PRO B 122 8.86 -5.80 10.06
C PRO B 122 9.06 -4.38 9.56
N VAL B 123 9.36 -3.49 10.51
CA VAL B 123 9.66 -2.10 10.20
C VAL B 123 11.14 -1.84 10.47
N GLN B 124 11.71 -0.90 9.72
CA GLN B 124 13.08 -0.47 9.93
C GLN B 124 13.07 1.00 10.33
N ARG B 125 13.33 1.26 11.60
CA ARG B 125 13.40 2.62 12.12
C ARG B 125 14.82 3.15 11.90
N VAL B 126 14.93 4.22 11.12
CA VAL B 126 16.23 4.73 10.69
C VAL B 126 16.61 5.94 11.51
N GLU B 127 17.92 6.17 11.62
CA GLU B 127 18.44 7.40 12.20
C GLU B 127 18.54 8.45 11.10
N VAL B 128 18.02 9.65 11.39
CA VAL B 128 17.92 10.72 10.41
C VAL B 128 19.09 11.66 10.58
N VAL B 129 19.82 11.91 9.49
CA VAL B 129 20.95 12.82 9.48
C VAL B 129 20.85 13.69 8.23
N GLU B 130 21.13 14.98 8.38
CA GLU B 130 21.09 15.92 7.27
C GLU B 130 22.46 16.00 6.61
N VAL B 131 22.50 15.81 5.29
CA VAL B 131 23.73 15.84 4.52
C VAL B 131 23.64 16.96 3.49
N GLU B 132 24.77 17.22 2.84
CA GLU B 132 24.82 18.24 1.78
C GLU B 132 25.39 17.65 0.49
N VAL B 134 24.33 13.89 -2.01
CA VAL B 134 24.20 12.45 -1.84
C VAL B 134 25.02 11.71 -2.89
N SER B 135 25.06 10.39 -2.78
CA SER B 135 25.87 9.57 -3.68
C SER B 135 25.30 9.63 -5.10
N GLN B 136 26.21 9.59 -6.08
CA GLN B 136 25.82 9.55 -7.48
C GLN B 136 25.47 8.13 -7.89
N THR B 137 24.37 7.98 -8.63
CA THR B 137 23.87 6.67 -9.04
C THR B 137 23.54 6.68 -10.52
N GLN B 138 23.22 5.49 -11.04
CA GLN B 138 22.87 5.36 -12.45
C GLN B 138 21.44 5.81 -12.72
N ARG B 139 20.55 5.63 -11.74
CA ARG B 139 19.16 6.07 -11.93
C ARG B 139 19.05 7.59 -12.02
N GLY B 140 19.92 8.30 -11.32
CA GLY B 140 19.90 9.75 -11.40
C GLY B 140 18.70 10.33 -10.68
N GLU B 141 18.03 11.28 -11.33
CA GLU B 141 16.85 11.92 -10.75
C GLU B 141 15.57 11.35 -11.35
N LYS C 3 20.72 -14.66 -1.30
CA LYS C 3 20.21 -14.81 -2.66
C LYS C 3 18.88 -15.56 -2.66
N VAL C 4 17.87 -14.96 -3.26
CA VAL C 4 16.53 -15.55 -3.35
C VAL C 4 16.11 -15.57 -4.80
N ILE C 5 15.36 -16.62 -5.17
CA ILE C 5 14.93 -16.81 -6.55
C ILE C 5 13.41 -16.75 -6.62
N LEU C 6 12.91 -16.27 -7.76
CA LEU C 6 11.49 -16.16 -8.04
C LEU C 6 11.17 -16.92 -9.32
N LYS C 7 10.39 -17.98 -9.20
CA LYS C 7 10.03 -18.80 -10.34
C LYS C 7 8.76 -18.24 -10.99
N ILE C 8 8.85 -17.92 -12.28
CA ILE C 8 7.75 -17.32 -13.03
C ILE C 8 7.48 -18.21 -14.24
N LYS C 9 6.21 -18.58 -14.43
CA LYS C 9 5.76 -19.33 -15.60
C LYS C 9 4.89 -18.41 -16.45
N ARG C 10 5.31 -18.19 -17.68
CA ARG C 10 4.63 -17.24 -18.58
C ARG C 10 3.53 -17.96 -19.35
N LEU C 11 2.29 -17.52 -19.15
CA LEU C 11 1.18 -18.07 -19.91
C LEU C 11 1.32 -17.73 -21.39
N PRO C 12 0.63 -18.48 -22.26
CA PRO C 12 0.76 -18.23 -23.71
C PRO C 12 0.55 -16.78 -24.13
N HIS C 13 -0.32 -16.03 -23.46
CA HIS C 13 -0.47 -14.61 -23.78
C HIS C 13 0.58 -13.74 -23.12
N ALA C 14 1.63 -14.34 -22.55
CA ALA C 14 2.76 -13.60 -22.01
C ALA C 14 4.09 -14.17 -22.47
N GLN C 15 4.08 -15.16 -23.36
CA GLN C 15 5.32 -15.77 -23.82
C GLN C 15 6.11 -14.86 -24.75
N ASP C 16 5.41 -14.01 -25.51
CA ASP C 16 6.10 -13.05 -26.38
C ASP C 16 6.53 -11.81 -25.62
N LEU C 17 5.82 -11.44 -24.56
CA LEU C 17 6.19 -10.29 -23.77
C LEU C 17 7.48 -10.58 -22.99
N PRO C 18 8.29 -9.56 -22.72
CA PRO C 18 9.56 -9.79 -22.01
C PRO C 18 9.33 -10.15 -20.56
N LEU C 19 10.29 -10.86 -19.99
CA LEU C 19 10.23 -11.24 -18.58
C LEU C 19 10.24 -10.00 -17.70
N PRO C 20 9.60 -10.06 -16.53
CA PRO C 20 9.75 -8.96 -15.56
C PRO C 20 11.20 -8.81 -15.13
N SER C 21 11.69 -7.58 -15.19
CA SER C 21 13.07 -7.28 -14.86
C SER C 21 13.13 -6.00 -14.05
N TYR C 22 14.11 -5.93 -13.14
CA TYR C 22 14.37 -4.68 -12.42
C TYR C 22 14.91 -3.64 -13.39
N ALA C 23 14.31 -2.45 -13.38
CA ALA C 23 14.73 -1.40 -14.29
C ALA C 23 16.17 -0.96 -13.99
N THR C 24 16.44 -0.56 -12.76
CA THR C 24 17.74 -0.12 -12.32
C THR C 24 18.39 -1.15 -11.42
N PRO C 25 19.71 -1.11 -11.22
CA PRO C 25 20.37 -2.09 -10.34
C PRO C 25 19.88 -2.06 -8.91
N HIS C 26 19.07 -1.07 -8.51
CA HIS C 26 18.57 -1.02 -7.14
C HIS C 26 17.09 -0.65 -7.09
N SER C 27 16.32 -1.07 -8.09
CA SER C 27 14.88 -0.88 -8.06
C SER C 27 14.24 -1.88 -7.09
N SER C 28 13.06 -1.53 -6.60
CA SER C 28 12.38 -2.34 -5.60
C SER C 28 11.38 -3.34 -6.19
N GLY C 29 10.93 -3.12 -7.41
CA GLY C 29 9.87 -3.95 -7.97
C GLY C 29 10.15 -4.34 -9.41
N LEU C 30 9.45 -5.40 -9.82
CA LEU C 30 9.50 -5.88 -11.20
C LEU C 30 8.37 -5.24 -12.00
N ASP C 31 8.61 -5.08 -13.31
CA ASP C 31 7.60 -4.49 -14.18
C ASP C 31 6.47 -5.48 -14.42
N LEU C 32 5.24 -5.04 -14.23
CA LEU C 32 4.04 -5.83 -14.51
C LEU C 32 3.39 -5.27 -15.78
N ARG C 33 3.23 -6.13 -16.78
CA ARG C 33 2.75 -5.73 -18.09
C ARG C 33 1.37 -6.27 -18.38
N ALA C 34 0.60 -5.51 -19.15
CA ALA C 34 -0.75 -5.90 -19.55
C ALA C 34 -0.67 -6.93 -20.66
N ALA C 35 -0.95 -8.19 -20.33
CA ALA C 35 -0.90 -9.27 -21.32
C ALA C 35 -2.26 -9.40 -22.02
N ILE C 36 -2.57 -8.36 -22.79
CA ILE C 36 -3.83 -8.27 -23.53
C ILE C 36 -3.51 -8.03 -25.00
N GLU C 37 -4.44 -8.46 -25.86
CA GLU C 37 -4.25 -8.32 -27.31
C GLU C 37 -4.57 -6.91 -27.77
N LYS C 38 -5.82 -6.46 -27.59
CA LYS C 38 -6.26 -5.16 -28.07
C LYS C 38 -6.07 -4.09 -27.00
N PRO C 39 -5.86 -2.85 -27.41
CA PRO C 39 -5.77 -1.76 -26.42
C PRO C 39 -7.07 -1.58 -25.65
N LEU C 40 -6.96 -1.40 -24.34
CA LEU C 40 -8.10 -1.27 -23.46
C LEU C 40 -8.42 0.19 -23.19
N LYS C 41 -9.71 0.53 -23.23
CA LYS C 41 -10.18 1.87 -22.93
C LYS C 41 -10.91 1.86 -21.59
N ILE C 42 -10.48 2.72 -20.67
CA ILE C 42 -11.05 2.83 -19.34
C ILE C 42 -11.67 4.22 -19.22
N LYS C 43 -12.99 4.29 -19.13
CA LYS C 43 -13.69 5.54 -18.93
C LYS C 43 -13.38 6.07 -17.53
N PRO C 44 -13.67 7.34 -17.26
CA PRO C 44 -13.51 7.85 -15.90
C PRO C 44 -14.31 7.03 -14.89
N PHE C 45 -13.72 6.81 -13.72
CA PHE C 45 -14.33 6.07 -12.61
C PHE C 45 -14.63 4.62 -12.97
N GLU C 46 -13.91 4.06 -13.94
CA GLU C 46 -14.07 2.68 -14.34
C GLU C 46 -12.88 1.85 -13.89
N ARG C 47 -13.12 0.56 -13.66
CA ARG C 47 -12.08 -0.36 -13.21
C ARG C 47 -12.04 -1.57 -14.13
N VAL C 48 -10.84 -2.12 -14.33
CA VAL C 48 -10.63 -3.25 -15.22
C VAL C 48 -9.72 -4.26 -14.55
N LEU C 49 -9.91 -5.53 -14.89
CA LEU C 49 -9.10 -6.64 -14.38
C LEU C 49 -8.22 -7.10 -15.54
N ILE C 50 -6.95 -6.75 -15.49
CA ILE C 50 -6.03 -6.98 -16.60
C ILE C 50 -5.16 -8.19 -16.26
N PRO C 51 -5.09 -9.20 -17.13
CA PRO C 51 -4.23 -10.35 -16.86
C PRO C 51 -2.78 -10.05 -17.20
N THR C 52 -1.87 -10.66 -16.43
CA THR C 52 -0.45 -10.53 -16.67
C THR C 52 0.15 -11.72 -17.40
N GLY C 53 -0.55 -12.86 -17.42
CA GLY C 53 0.03 -14.07 -17.96
C GLY C 53 1.16 -14.63 -17.15
N LEU C 54 1.22 -14.30 -15.86
CA LEU C 54 2.31 -14.69 -14.99
C LEU C 54 1.78 -15.53 -13.83
N ILE C 55 2.48 -16.63 -13.55
CA ILE C 55 2.21 -17.47 -12.39
C ILE C 55 3.49 -17.54 -11.59
N LEU C 56 3.44 -17.06 -10.35
CA LEU C 56 4.63 -16.85 -9.54
C LEU C 56 4.80 -17.95 -8.50
N GLU C 57 6.06 -18.24 -8.18
CA GLU C 57 6.42 -19.06 -7.03
C GLU C 57 7.19 -18.16 -6.07
N ILE C 58 6.45 -17.35 -5.32
CA ILE C 58 7.05 -16.49 -4.30
C ILE C 58 7.57 -17.40 -3.18
N PRO C 59 8.85 -17.32 -2.83
CA PRO C 59 9.41 -18.23 -1.82
C PRO C 59 8.76 -18.02 -0.47
N GLU C 60 8.86 -19.06 0.37
CA GLU C 60 8.25 -19.03 1.69
C GLU C 60 8.87 -17.91 2.52
N GLY C 61 8.03 -17.25 3.32
CA GLY C 61 8.47 -16.14 4.14
C GLY C 61 8.42 -14.79 3.45
N TYR C 62 8.11 -14.75 2.15
CA TYR C 62 8.03 -13.52 1.40
C TYR C 62 6.67 -13.42 0.73
N GLU C 63 6.27 -12.21 0.39
CA GLU C 63 5.00 -11.94 -0.27
C GLU C 63 5.23 -11.04 -1.48
N GLY C 64 4.19 -10.92 -2.29
CA GLY C 64 4.19 -10.03 -3.45
C GLY C 64 3.19 -8.92 -3.26
N GLN C 65 3.60 -7.70 -3.59
CA GLN C 65 2.76 -6.52 -3.45
C GLN C 65 2.63 -5.84 -4.80
N VAL C 66 1.40 -5.82 -5.34
CA VAL C 66 1.12 -5.06 -6.54
C VAL C 66 0.97 -3.59 -6.15
N ARG C 67 1.86 -2.75 -6.70
CA ARG C 67 1.89 -1.34 -6.36
C ARG C 67 1.67 -0.47 -7.59
N PRO C 68 1.14 0.73 -7.41
CA PRO C 68 0.87 1.59 -8.58
C PRO C 68 2.14 2.16 -9.18
N ARG C 69 2.07 2.49 -10.46
CA ARG C 69 3.16 3.16 -11.14
C ARG C 69 3.07 4.66 -10.92
N SER C 70 4.20 5.27 -10.53
CA SER C 70 4.21 6.71 -10.28
C SER C 70 3.93 7.50 -11.55
N GLY C 71 4.40 7.01 -12.69
CA GLY C 71 4.17 7.68 -13.96
C GLY C 71 2.71 7.73 -14.35
N LEU C 72 2.08 6.56 -14.51
CA LEU C 72 0.68 6.52 -14.90
C LEU C 72 -0.21 7.20 -13.86
N ALA C 73 0.21 7.21 -12.59
CA ALA C 73 -0.60 7.84 -11.56
C ALA C 73 -0.68 9.36 -11.78
N TRP C 74 0.45 9.99 -12.05
CA TRP C 74 0.45 11.45 -12.18
C TRP C 74 -0.02 11.88 -13.56
N LYS C 75 0.48 11.22 -14.61
CA LYS C 75 0.16 11.65 -15.97
C LYS C 75 -1.33 11.45 -16.27
N LYS C 76 -1.90 10.32 -15.86
CA LYS C 76 -3.24 9.94 -16.27
C LYS C 76 -4.21 9.71 -15.13
N GLY C 77 -3.74 9.61 -13.88
CA GLY C 77 -4.63 9.29 -12.78
C GLY C 77 -4.91 7.83 -12.59
N LEU C 78 -4.22 6.94 -13.30
CA LEU C 78 -4.40 5.51 -13.14
C LEU C 78 -3.69 5.02 -11.89
N THR C 79 -4.37 4.18 -11.13
CA THR C 79 -3.78 3.60 -9.94
C THR C 79 -4.39 2.22 -9.69
N VAL C 80 -3.71 1.44 -8.86
CA VAL C 80 -4.20 0.12 -8.50
C VAL C 80 -5.26 0.26 -7.41
N LEU C 81 -6.44 -0.32 -7.65
CA LEU C 81 -7.57 -0.09 -6.75
C LEU C 81 -7.35 -0.72 -5.39
N ASN C 82 -6.82 -1.94 -5.36
CA ASN C 82 -6.57 -2.66 -4.11
C ASN C 82 -5.12 -2.54 -3.65
N ALA C 83 -4.47 -1.41 -3.94
CA ALA C 83 -3.06 -1.26 -3.63
C ALA C 83 -2.87 -1.11 -2.12
N PRO C 84 -1.87 -1.80 -1.55
CA PRO C 84 -0.97 -2.75 -2.21
C PRO C 84 -1.63 -4.13 -2.36
N GLY C 85 -1.75 -4.61 -3.60
CA GLY C 85 -2.39 -5.90 -3.82
C GLY C 85 -1.55 -7.02 -3.24
N THR C 86 -2.15 -7.83 -2.37
CA THR C 86 -1.43 -8.87 -1.66
C THR C 86 -1.37 -10.13 -2.51
N ILE C 87 -0.17 -10.58 -2.84
CA ILE C 87 0.05 -11.84 -3.56
C ILE C 87 0.66 -12.81 -2.55
N ASP C 88 -0.16 -13.77 -2.10
CA ASP C 88 0.30 -14.72 -1.11
C ASP C 88 1.33 -15.68 -1.70
N ALA C 89 2.16 -16.24 -0.82
CA ALA C 89 3.26 -17.10 -1.27
C ALA C 89 2.75 -18.39 -1.89
N ASP C 90 1.66 -18.94 -1.37
CA ASP C 90 1.10 -20.19 -1.87
C ASP C 90 0.12 -19.98 -3.02
N TYR C 91 0.21 -18.85 -3.72
CA TYR C 91 -0.70 -18.55 -4.82
C TYR C 91 -0.13 -19.12 -6.10
N ARG C 92 -0.88 -20.02 -6.74
CA ARG C 92 -0.47 -20.64 -8.00
C ARG C 92 -1.31 -20.17 -9.18
N GLY C 93 -2.18 -19.18 -8.98
CA GLY C 93 -2.98 -18.65 -10.05
C GLY C 93 -2.24 -17.59 -10.86
N GLU C 94 -2.94 -17.09 -11.87
CA GLU C 94 -2.41 -16.04 -12.73
C GLU C 94 -2.59 -14.69 -12.04
N VAL C 95 -1.48 -13.97 -11.85
CA VAL C 95 -1.54 -12.67 -11.19
C VAL C 95 -2.26 -11.68 -12.09
N LYS C 96 -3.28 -11.01 -11.53
CA LYS C 96 -4.06 -10.02 -12.24
C LYS C 96 -3.97 -8.68 -11.53
N VAL C 97 -4.25 -7.61 -12.26
CA VAL C 97 -4.12 -6.25 -11.76
C VAL C 97 -5.45 -5.54 -11.94
N ILE C 98 -5.87 -4.82 -10.90
CA ILE C 98 -7.11 -4.05 -10.91
C ILE C 98 -6.72 -2.57 -11.01
N LEU C 99 -6.78 -2.02 -12.22
CA LEU C 99 -6.54 -0.60 -12.44
C LEU C 99 -7.87 0.14 -12.41
N VAL C 100 -7.85 1.34 -11.81
CA VAL C 100 -9.00 2.23 -11.78
C VAL C 100 -8.57 3.59 -12.31
N ASN C 101 -9.39 4.15 -13.20
CA ASN C 101 -9.11 5.46 -13.78
C ASN C 101 -9.78 6.52 -12.91
N LEU C 102 -8.98 7.21 -12.09
CA LEU C 102 -9.47 8.30 -11.27
C LEU C 102 -9.18 9.67 -11.87
N GLY C 103 -8.82 9.71 -13.15
CA GLY C 103 -8.68 10.95 -13.87
C GLY C 103 -10.00 11.38 -14.49
N ASN C 104 -9.95 12.52 -15.19
CA ASN C 104 -11.12 13.10 -15.83
C ASN C 104 -11.21 12.80 -17.31
N GLU C 105 -10.29 11.99 -17.85
CA GLU C 105 -10.23 11.71 -19.27
C GLU C 105 -10.17 10.21 -19.49
N GLU C 106 -10.47 9.79 -20.72
CA GLU C 106 -10.35 8.40 -21.08
C GLU C 106 -8.88 8.02 -21.25
N VAL C 107 -8.52 6.82 -20.80
CA VAL C 107 -7.15 6.34 -20.87
C VAL C 107 -7.13 5.04 -21.65
N VAL C 108 -6.03 4.82 -22.38
CA VAL C 108 -5.85 3.64 -23.20
C VAL C 108 -4.66 2.85 -22.67
N ILE C 109 -4.87 1.56 -22.40
CA ILE C 109 -3.81 0.66 -22.00
C ILE C 109 -3.48 -0.21 -23.21
N GLU C 110 -2.25 -0.07 -23.71
CA GLU C 110 -1.85 -0.71 -24.95
C GLU C 110 -1.31 -2.11 -24.68
N ARG C 111 -0.79 -2.75 -25.73
CA ARG C 111 -0.22 -4.07 -25.58
C ARG C 111 1.03 -4.03 -24.73
N GLY C 112 1.17 -5.03 -23.86
CA GLY C 112 2.33 -5.19 -23.00
C GLY C 112 2.84 -3.92 -22.34
N GLU C 113 1.92 -3.11 -21.84
CA GLU C 113 2.29 -1.84 -21.21
C GLU C 113 2.52 -2.02 -19.72
N ARG C 114 3.59 -1.39 -19.21
CA ARG C 114 3.85 -1.36 -17.79
C ARG C 114 2.67 -0.70 -17.07
N ILE C 115 1.91 -1.49 -16.31
CA ILE C 115 0.73 -0.99 -15.63
C ILE C 115 0.82 -1.08 -14.11
N ALA C 116 1.82 -1.78 -13.58
CA ALA C 116 2.03 -1.89 -12.14
C ALA C 116 3.44 -2.41 -11.90
N GLN C 117 3.82 -2.49 -10.63
CA GLN C 117 5.10 -3.05 -10.24
C GLN C 117 4.89 -4.02 -9.08
N LEU C 118 5.67 -5.10 -9.10
CA LEU C 118 5.57 -6.18 -8.12
C LEU C 118 6.81 -6.17 -7.24
N VAL C 119 6.63 -5.87 -5.96
CA VAL C 119 7.73 -5.82 -5.00
C VAL C 119 7.67 -7.08 -4.15
N ILE C 120 8.80 -7.77 -4.06
CA ILE C 120 8.94 -8.92 -3.18
C ILE C 120 9.48 -8.43 -1.84
N ALA C 121 8.75 -8.71 -0.77
CA ALA C 121 9.09 -8.21 0.56
C ALA C 121 8.83 -9.30 1.58
N PRO C 122 9.57 -9.30 2.71
CA PRO C 122 9.33 -10.31 3.74
C PRO C 122 8.07 -10.00 4.53
N VAL C 123 7.24 -11.02 4.74
CA VAL C 123 6.05 -10.91 5.57
C VAL C 123 6.24 -11.82 6.77
N GLN C 124 5.63 -11.44 7.89
CA GLN C 124 5.84 -12.12 9.17
C GLN C 124 4.57 -12.85 9.59
N ARG C 125 4.67 -14.17 9.73
CA ARG C 125 3.59 -14.98 10.26
C ARG C 125 3.55 -14.85 11.79
N VAL C 126 2.39 -14.54 12.34
CA VAL C 126 2.22 -14.32 13.77
C VAL C 126 1.31 -15.38 14.35
N GLU C 127 1.42 -15.57 15.65
CA GLU C 127 0.56 -16.48 16.41
C GLU C 127 -0.49 -15.64 17.14
N VAL C 128 -1.75 -15.80 16.74
CA VAL C 128 -2.82 -15.01 17.32
C VAL C 128 -3.08 -15.46 18.74
N VAL C 129 -3.09 -14.51 19.68
CA VAL C 129 -3.35 -14.78 21.09
C VAL C 129 -4.34 -13.74 21.59
N GLU C 130 -5.43 -14.20 22.20
CA GLU C 130 -6.46 -13.30 22.73
C GLU C 130 -6.15 -12.99 24.20
N VAL C 131 -6.14 -11.70 24.53
CA VAL C 131 -5.90 -11.25 25.89
C VAL C 131 -7.09 -10.42 26.35
N GLU C 132 -7.24 -10.29 27.66
CA GLU C 132 -8.31 -9.52 28.26
C GLU C 132 -7.90 -8.08 28.58
N GLU C 133 -6.63 -7.73 28.39
CA GLU C 133 -6.15 -6.39 28.67
C GLU C 133 -4.84 -6.18 27.93
N VAL C 134 -4.65 -4.98 27.41
CA VAL C 134 -3.43 -4.62 26.70
C VAL C 134 -2.60 -3.70 27.59
N SER C 135 -1.37 -3.43 27.16
CA SER C 135 -0.46 -2.60 27.92
C SER C 135 -0.74 -1.12 27.65
N GLN C 136 -0.72 -0.32 28.72
CA GLN C 136 -0.82 1.13 28.58
C GLN C 136 0.45 1.66 27.92
N THR C 137 0.28 2.57 26.96
CA THR C 137 1.40 2.97 26.12
C THR C 137 1.22 4.43 25.69
N GLN C 138 2.36 5.11 25.53
CA GLN C 138 2.49 6.51 25.15
C GLN C 138 1.35 7.06 24.28
N ARG C 139 1.34 6.71 22.99
CA ARG C 139 0.39 7.31 22.07
C ARG C 139 -1.06 7.06 22.46
N GLY C 140 -1.33 6.01 23.22
CA GLY C 140 -2.69 5.76 23.68
C GLY C 140 -3.63 5.43 22.54
N GLU C 141 -4.80 6.04 22.56
CA GLU C 141 -5.81 5.81 21.53
C GLU C 141 -5.87 6.98 20.55
#